data_1OZJ
#
_entry.id   1OZJ
#
_cell.length_a   45.6
_cell.length_b   60.4
_cell.length_c   71.6
_cell.angle_alpha   90
_cell.angle_beta   102
_cell.angle_gamma   90
#
_symmetry.space_group_name_H-M   'P 1 21 1'
#
loop_
_entity.id
_entity.type
_entity.pdbx_description
1 polymer 'Smad binding element'
2 polymer 'Smad binding element'
3 polymer 'SMAD 3'
4 non-polymer 'ZINC ION'
5 water water
#
loop_
_entity_poly.entity_id
_entity_poly.type
_entity_poly.pdbx_seq_one_letter_code
_entity_poly.pdbx_strand_id
1 'polydeoxyribonucleotide' (DT)(DC)(DA)(DG)(DT)(DC)(DT)(DA)(DG)(DA)(DC)(DA)(DT)(DA)(DC) C
2 'polydeoxyribonucleotide' (DG)(DT)(DA)(DT)(DG)(DT)(DC)(DT)(DA)(DG)(DA)(DC)(DT)(DG)(DA) D
3 'polypeptide(L)'
;MSSILPFTPPIVKRLLGWKKGEQNGQEEKWCEKAVKSLVKKLKKTGQLDELEKAITTQNVNTKCITIPRSLDGRLQVSHR
KGLPHVIYCRLWRWPDLHSHHELRAMELCEFAFNMKKDEVCVNPYHYQRVETPVLPPVLVPRHT
;
A,B
#
loop_
_chem_comp.id
_chem_comp.type
_chem_comp.name
_chem_comp.formula
DA DNA linking 2'-DEOXYADENOSINE-5'-MONOPHOSPHATE 'C10 H14 N5 O6 P'
DC DNA linking 2'-DEOXYCYTIDINE-5'-MONOPHOSPHATE 'C9 H14 N3 O7 P'
DG DNA linking 2'-DEOXYGUANOSINE-5'-MONOPHOSPHATE 'C10 H14 N5 O7 P'
DT DNA linking THYMIDINE-5'-MONOPHOSPHATE 'C10 H15 N2 O8 P'
ZN non-polymer 'ZINC ION' 'Zn 2'
#
# COMPACT_ATOMS: atom_id res chain seq x y z
N PHE C 7 20.01 5.83 -4.68
CA PHE C 7 20.26 6.95 -5.63
C PHE C 7 18.93 7.65 -6.02
N THR C 8 18.81 8.93 -5.71
CA THR C 8 17.63 9.72 -6.04
C THR C 8 18.04 10.85 -6.99
N PRO C 9 18.00 10.59 -8.30
CA PRO C 9 18.36 11.50 -9.40
C PRO C 9 18.47 12.98 -9.08
N PRO C 10 19.60 13.62 -9.46
CA PRO C 10 19.83 15.04 -9.22
C PRO C 10 18.67 15.90 -9.73
N ILE C 11 18.05 15.49 -10.84
CA ILE C 11 16.92 16.21 -11.40
C ILE C 11 15.91 16.50 -10.26
N VAL C 12 15.67 15.50 -9.42
CA VAL C 12 14.75 15.63 -8.29
C VAL C 12 15.30 16.62 -7.25
N LYS C 13 16.62 16.58 -7.04
CA LYS C 13 17.27 17.48 -6.10
C LYS C 13 17.17 18.90 -6.64
N ARG C 14 17.45 19.04 -7.93
CA ARG C 14 17.38 20.35 -8.56
C ARG C 14 15.98 20.91 -8.42
N LEU C 15 14.98 20.13 -8.83
CA LEU C 15 13.58 20.53 -8.77
C LEU C 15 13.09 20.79 -7.35
N LEU C 16 13.64 20.05 -6.40
CA LEU C 16 13.28 20.23 -4.99
C LEU C 16 13.68 21.62 -4.58
N GLY C 17 14.78 22.10 -5.17
CA GLY C 17 15.30 23.42 -4.88
C GLY C 17 14.28 24.53 -5.01
N TRP C 18 13.36 24.41 -5.96
CA TRP C 18 12.36 25.44 -6.16
C TRP C 18 11.18 25.29 -5.20
N LYS C 19 11.47 25.50 -3.92
CA LYS C 19 10.50 25.39 -2.82
C LYS C 19 10.41 23.93 -2.41
N LYS C 20 11.31 23.54 -1.52
CA LYS C 20 11.34 22.16 -1.01
C LYS C 20 10.00 21.81 -0.39
N GLY C 21 9.62 22.55 0.65
CA GLY C 21 8.36 22.32 1.33
C GLY C 21 8.43 22.73 2.78
N GLU C 22 8.44 24.04 3.02
CA GLU C 22 8.53 24.64 4.36
C GLU C 22 8.85 23.67 5.48
N GLN C 23 10.11 23.22 5.47
CA GLN C 23 10.67 22.28 6.43
C GLN C 23 9.74 21.25 7.06
N ASN C 24 10.06 20.90 8.32
CA ASN C 24 9.34 19.91 9.09
C ASN C 24 9.88 18.55 8.67
N GLY C 25 11.07 18.23 9.18
CA GLY C 25 11.72 16.98 8.88
C GLY C 25 11.00 15.95 8.03
N GLN C 26 9.95 15.34 8.58
CA GLN C 26 9.19 14.33 7.87
C GLN C 26 8.56 14.89 6.60
N GLU C 27 7.98 16.07 6.72
CA GLU C 27 7.33 16.74 5.59
C GLU C 27 8.33 16.93 4.46
N GLU C 28 9.56 17.25 4.81
CA GLU C 28 10.62 17.47 3.83
C GLU C 28 10.80 16.22 2.98
N LYS C 29 10.84 15.06 3.63
CA LYS C 29 11.01 13.81 2.92
C LYS C 29 9.78 13.46 2.07
N TRP C 30 8.61 13.97 2.46
CA TRP C 30 7.40 13.69 1.70
C TRP C 30 7.48 14.34 0.33
N CYS C 31 7.75 15.64 0.33
CA CYS C 31 7.86 16.42 -0.90
C CYS C 31 8.86 15.75 -1.84
N GLU C 32 9.90 15.12 -1.30
CA GLU C 32 10.87 14.45 -2.15
C GLU C 32 10.20 13.26 -2.83
N LYS C 33 9.43 12.52 -2.04
CA LYS C 33 8.68 11.35 -2.54
C LYS C 33 7.73 11.85 -3.63
N ALA C 34 7.05 12.96 -3.36
CA ALA C 34 6.09 13.56 -4.29
C ALA C 34 6.74 13.93 -5.62
N VAL C 35 7.95 14.47 -5.55
CA VAL C 35 8.68 14.86 -6.77
C VAL C 35 9.20 13.62 -7.48
N LYS C 36 9.72 12.67 -6.69
CA LYS C 36 10.24 11.43 -7.22
C LYS C 36 9.18 10.73 -8.05
N SER C 37 7.97 10.73 -7.51
CA SER C 37 6.82 10.09 -8.17
C SER C 37 6.49 10.80 -9.48
N LEU C 38 6.43 12.13 -9.44
CA LEU C 38 6.12 12.89 -10.64
C LEU C 38 7.18 12.70 -11.72
N VAL C 39 8.45 12.79 -11.34
CA VAL C 39 9.55 12.63 -12.29
C VAL C 39 9.50 11.29 -13.01
N LYS C 40 9.31 10.23 -12.25
CA LYS C 40 9.24 8.88 -12.82
C LYS C 40 8.22 8.77 -13.96
N LYS C 41 7.04 9.33 -13.75
CA LYS C 41 6.00 9.25 -14.75
C LYS C 41 6.26 10.10 -15.99
N LEU C 42 6.89 11.27 -15.79
CA LEU C 42 7.19 12.17 -16.89
C LEU C 42 8.37 11.64 -17.68
N LYS C 43 9.18 10.82 -17.03
CA LYS C 43 10.34 10.22 -17.66
C LYS C 43 9.81 9.25 -18.72
N LYS C 44 8.86 8.42 -18.31
CA LYS C 44 8.27 7.43 -19.21
C LYS C 44 7.51 8.02 -20.39
N THR C 45 7.08 9.27 -20.26
CA THR C 45 6.33 9.92 -21.32
C THR C 45 7.12 11.09 -21.90
N GLY C 46 8.41 11.13 -21.56
CA GLY C 46 9.29 12.17 -22.04
C GLY C 46 8.86 13.61 -21.82
N GLN C 47 8.27 13.90 -20.66
CA GLN C 47 7.83 15.27 -20.38
C GLN C 47 8.72 15.97 -19.36
N LEU C 48 9.73 15.27 -18.86
CA LEU C 48 10.65 15.83 -17.86
C LEU C 48 11.16 17.23 -18.14
N ASP C 49 11.95 17.37 -19.20
CA ASP C 49 12.52 18.66 -19.57
C ASP C 49 11.47 19.74 -19.57
N GLU C 50 10.28 19.39 -20.06
CA GLU C 50 9.20 20.35 -20.11
C GLU C 50 8.83 20.80 -18.69
N LEU C 51 8.98 19.91 -17.71
CA LEU C 51 8.67 20.23 -16.31
C LEU C 51 9.78 21.15 -15.79
N GLU C 52 11.03 20.75 -16.03
CA GLU C 52 12.18 21.54 -15.62
C GLU C 52 11.96 22.98 -16.11
N LYS C 53 11.65 23.09 -17.39
CA LYS C 53 11.42 24.38 -18.04
C LYS C 53 10.41 25.23 -17.29
N ALA C 54 9.17 24.75 -17.21
CA ALA C 54 8.10 25.49 -16.52
C ALA C 54 8.41 25.88 -15.08
N ILE C 55 9.01 24.98 -14.31
CA ILE C 55 9.33 25.30 -12.93
C ILE C 55 10.42 26.39 -12.84
N THR C 56 11.46 26.26 -13.67
CA THR C 56 12.57 27.22 -13.66
C THR C 56 12.27 28.55 -14.32
N THR C 57 11.60 28.54 -15.47
CA THR C 57 11.27 29.77 -16.17
C THR C 57 9.94 30.34 -15.68
N GLN C 58 9.10 29.48 -15.11
CA GLN C 58 7.81 29.92 -14.59
C GLN C 58 6.94 30.52 -15.70
N ASN C 59 7.25 30.13 -16.94
CA ASN C 59 6.52 30.59 -18.11
C ASN C 59 5.19 29.86 -18.24
N VAL C 60 4.10 30.63 -18.15
CA VAL C 60 2.77 30.08 -18.28
C VAL C 60 2.58 29.48 -19.68
N ASN C 61 3.38 29.93 -20.65
CA ASN C 61 3.26 29.43 -22.01
C ASN C 61 3.88 28.06 -22.24
N THR C 62 4.31 27.41 -21.17
CA THR C 62 4.88 26.08 -21.30
C THR C 62 3.73 25.17 -21.68
N LYS C 63 4.04 23.97 -22.15
CA LYS C 63 2.99 23.03 -22.54
C LYS C 63 2.34 22.37 -21.32
N CYS C 64 1.27 21.62 -21.57
CA CYS C 64 0.61 20.92 -20.46
C CYS C 64 1.51 19.79 -20.04
N ILE C 65 1.67 19.61 -18.73
CA ILE C 65 2.48 18.53 -18.21
C ILE C 65 1.47 17.54 -17.65
N THR C 66 1.31 16.48 -18.42
CA THR C 66 0.31 15.47 -18.16
C THR C 66 0.59 14.18 -17.42
N ILE C 67 -0.34 13.87 -16.54
CA ILE C 67 -0.30 12.67 -15.73
C ILE C 67 -1.63 11.92 -15.87
N PRO C 68 -1.59 10.60 -15.94
CA PRO C 68 -2.78 9.75 -16.07
C PRO C 68 -3.74 10.05 -14.92
N ARG C 69 -5.04 10.07 -15.19
CA ARG C 69 -5.95 10.31 -14.09
C ARG C 69 -6.41 8.95 -13.58
N SER C 70 -6.58 8.84 -12.27
CA SER C 70 -7.02 7.61 -11.67
C SER C 70 -8.55 7.65 -11.60
N LEU C 71 -9.16 6.51 -11.30
CA LEU C 71 -10.62 6.41 -11.20
C LEU C 71 -11.30 7.50 -10.37
N ASP C 72 -10.82 7.75 -9.15
CA ASP C 72 -11.44 8.77 -8.30
C ASP C 72 -10.76 10.13 -8.40
N GLY C 73 -9.76 10.22 -9.27
CA GLY C 73 -9.06 11.48 -9.47
C GLY C 73 -7.99 11.80 -8.45
N ARG C 74 -7.92 11.01 -7.39
CA ARG C 74 -6.92 11.24 -6.36
C ARG C 74 -5.58 10.62 -6.74
N LEU C 75 -4.54 11.06 -6.04
CA LEU C 75 -3.19 10.56 -6.28
C LEU C 75 -2.62 10.25 -4.91
N GLN C 76 -2.03 9.07 -4.77
CA GLN C 76 -1.40 8.73 -3.51
C GLN C 76 0.12 8.87 -3.63
N VAL C 77 0.69 9.56 -2.67
CA VAL C 77 2.14 9.77 -2.56
C VAL C 77 2.45 9.35 -1.13
N SER C 78 3.29 8.33 -0.99
CA SER C 78 3.63 7.81 0.32
C SER C 78 2.33 7.26 0.93
N HIS C 79 1.88 7.88 2.02
CA HIS C 79 0.66 7.40 2.66
C HIS C 79 -0.49 8.39 2.56
N ARG C 80 -0.26 9.51 1.91
CA ARG C 80 -1.28 10.54 1.76
C ARG C 80 -1.91 10.48 0.39
N LYS C 81 -3.15 10.93 0.33
CA LYS C 81 -3.89 10.99 -0.92
C LYS C 81 -4.29 12.45 -1.12
N GLY C 82 -4.46 12.84 -2.37
CA GLY C 82 -4.84 14.22 -2.66
C GLY C 82 -4.96 14.47 -4.15
N LEU C 83 -5.50 15.61 -4.53
CA LEU C 83 -5.65 15.92 -5.94
C LEU C 83 -4.31 16.36 -6.53
N PRO C 84 -3.92 15.75 -7.67
CA PRO C 84 -2.65 16.02 -8.38
C PRO C 84 -2.29 17.50 -8.52
N HIS C 85 -3.14 18.26 -9.22
CA HIS C 85 -2.84 19.67 -9.43
C HIS C 85 -2.68 20.39 -8.11
N VAL C 86 -3.50 20.04 -7.12
CA VAL C 86 -3.44 20.67 -5.82
C VAL C 86 -2.09 20.42 -5.16
N ILE C 87 -1.63 19.17 -5.24
CA ILE C 87 -0.36 18.78 -4.62
C ILE C 87 0.86 19.48 -5.21
N TYR C 88 0.88 19.61 -6.53
CA TYR C 88 2.02 20.22 -7.17
C TYR C 88 1.99 21.74 -7.22
N CYS C 89 0.80 22.33 -7.11
CA CYS C 89 0.69 23.78 -7.09
C CYS C 89 1.10 24.24 -5.69
N ARG C 90 0.75 23.43 -4.69
CA ARG C 90 1.11 23.76 -3.32
C ARG C 90 2.60 23.56 -3.11
N LEU C 91 3.19 22.63 -3.85
CA LEU C 91 4.60 22.35 -3.70
C LEU C 91 5.53 23.36 -4.37
N TRP C 92 5.12 23.92 -5.50
CA TRP C 92 5.97 24.88 -6.20
C TRP C 92 5.46 26.31 -6.27
N ARG C 93 4.20 26.54 -5.92
CA ARG C 93 3.64 27.88 -5.97
C ARG C 93 3.12 28.37 -4.62
N TRP C 94 1.94 27.90 -4.25
CA TRP C 94 1.29 28.33 -3.01
C TRP C 94 1.23 27.28 -1.90
N PRO C 95 2.23 27.27 -0.99
CA PRO C 95 2.20 26.29 0.10
C PRO C 95 1.00 26.53 1.01
N ASP C 96 0.40 27.69 0.85
CA ASP C 96 -0.78 28.11 1.63
C ASP C 96 -2.03 27.42 1.10
N LEU C 97 -2.01 27.05 -0.18
CA LEU C 97 -3.12 26.40 -0.87
C LEU C 97 -3.84 25.35 -0.01
N HIS C 98 -5.17 25.43 0.03
CA HIS C 98 -5.96 24.51 0.85
C HIS C 98 -6.71 23.42 0.08
N SER C 99 -7.62 23.84 -0.81
CA SER C 99 -8.39 22.87 -1.59
C SER C 99 -8.40 23.23 -3.08
N HIS C 100 -8.89 22.31 -3.90
CA HIS C 100 -8.93 22.52 -5.35
C HIS C 100 -9.82 23.67 -5.79
N HIS C 101 -10.57 24.24 -4.86
CA HIS C 101 -11.46 25.37 -5.16
C HIS C 101 -10.71 26.69 -5.21
N GLU C 102 -9.61 26.80 -4.46
CA GLU C 102 -8.81 28.01 -4.46
C GLU C 102 -8.04 28.07 -5.79
N LEU C 103 -8.40 27.17 -6.70
CA LEU C 103 -7.73 27.08 -8.00
C LEU C 103 -8.67 27.25 -9.18
N ARG C 104 -8.08 27.51 -10.34
CA ARG C 104 -8.82 27.68 -11.58
C ARG C 104 -7.82 27.71 -12.74
N ALA C 105 -8.05 26.83 -13.71
CA ALA C 105 -7.18 26.72 -14.87
C ALA C 105 -7.26 27.93 -15.77
N MET C 106 -6.21 28.14 -16.56
CA MET C 106 -6.17 29.25 -17.49
C MET C 106 -6.60 28.74 -18.85
N GLU C 107 -7.49 29.49 -19.52
CA GLU C 107 -7.96 29.07 -20.83
C GLU C 107 -6.68 28.98 -21.66
N LEU C 108 -6.26 27.75 -21.93
CA LEU C 108 -5.06 27.47 -22.71
C LEU C 108 -4.60 26.09 -22.27
N CYS C 109 -4.96 25.77 -21.03
CA CYS C 109 -4.64 24.47 -20.45
C CYS C 109 -5.65 23.49 -21.02
N GLU C 110 -5.16 22.56 -21.83
CA GLU C 110 -6.00 21.57 -22.49
C GLU C 110 -6.57 20.53 -21.54
N PHE C 111 -5.72 20.05 -20.62
CA PHE C 111 -6.14 19.01 -19.68
C PHE C 111 -6.32 19.41 -18.23
N ALA C 112 -6.76 20.64 -17.99
CA ALA C 112 -6.98 21.08 -16.62
C ALA C 112 -7.77 19.99 -15.90
N PHE C 113 -7.64 19.95 -14.58
CA PHE C 113 -8.33 18.95 -13.77
C PHE C 113 -9.84 18.99 -13.97
N ASN C 114 -10.41 20.19 -13.96
CA ASN C 114 -11.85 20.38 -14.10
C ASN C 114 -12.49 19.90 -15.40
N MET C 115 -11.66 19.57 -16.40
CA MET C 115 -12.19 19.11 -17.68
C MET C 115 -12.23 17.60 -17.78
N LYS C 116 -11.99 16.95 -16.65
CA LYS C 116 -12.01 15.51 -16.55
C LYS C 116 -11.74 14.74 -17.85
N LYS C 117 -10.46 14.58 -18.18
CA LYS C 117 -10.03 13.86 -19.37
C LYS C 117 -9.11 12.74 -18.90
N ASP C 118 -8.77 11.83 -19.82
CA ASP C 118 -7.89 10.71 -19.48
C ASP C 118 -6.57 11.20 -18.86
N GLU C 119 -6.24 12.46 -19.09
CA GLU C 119 -4.99 13.04 -18.59
C GLU C 119 -5.23 14.27 -17.73
N VAL C 120 -4.36 14.49 -16.75
CA VAL C 120 -4.47 15.65 -15.90
C VAL C 120 -3.21 16.48 -15.95
N CYS C 121 -3.36 17.77 -16.20
CA CYS C 121 -2.21 18.66 -16.25
C CYS C 121 -1.80 19.08 -14.85
N VAL C 122 -0.54 18.86 -14.51
CA VAL C 122 -0.07 19.26 -13.20
C VAL C 122 0.97 20.37 -13.35
N ASN C 123 0.90 21.08 -14.48
CA ASN C 123 1.80 22.19 -14.72
C ASN C 123 1.33 23.25 -13.71
N PRO C 124 2.16 23.54 -12.70
CA PRO C 124 1.71 24.54 -11.73
C PRO C 124 1.46 25.93 -12.30
N TYR C 125 1.98 26.20 -13.49
CA TYR C 125 1.76 27.51 -14.09
C TYR C 125 0.60 27.58 -15.08
N HIS C 126 -0.31 26.61 -14.99
CA HIS C 126 -1.50 26.59 -15.83
C HIS C 126 -2.73 26.85 -14.98
N TYR C 127 -2.50 27.15 -13.69
CA TYR C 127 -3.59 27.43 -12.77
C TYR C 127 -3.41 28.76 -12.06
N GLN C 128 -4.52 29.36 -11.67
CA GLN C 128 -4.47 30.62 -10.95
C GLN C 128 -5.19 30.38 -9.64
N ARG C 129 -4.76 31.10 -8.61
CA ARG C 129 -5.37 30.97 -7.29
C ARG C 129 -6.51 31.97 -7.17
N VAL C 130 -7.54 31.59 -6.44
CA VAL C 130 -8.69 32.45 -6.22
C VAL C 130 -8.97 32.56 -4.72
N GLU C 131 -9.53 33.67 -4.28
CA GLU C 131 -9.84 33.88 -2.86
C GLU C 131 -11.21 33.29 -2.54
N THR C 132 -11.69 32.44 -3.44
CA THR C 132 -13.00 31.78 -3.32
C THR C 132 -14.10 32.82 -3.16
N PRO D 9 -11.94 -6.44 20.19
CA PRO D 9 -12.84 -7.40 19.54
C PRO D 9 -12.96 -8.71 20.31
N PRO D 10 -14.04 -9.47 20.10
CA PRO D 10 -14.37 -10.75 20.74
C PRO D 10 -13.43 -11.92 20.49
N ILE D 11 -13.88 -12.84 19.63
CA ILE D 11 -13.13 -14.03 19.25
C ILE D 11 -11.65 -13.77 19.01
N VAL D 12 -11.33 -12.59 18.47
CA VAL D 12 -9.95 -12.23 18.20
C VAL D 12 -9.10 -12.42 19.45
N LYS D 13 -9.61 -11.92 20.57
CA LYS D 13 -8.89 -12.05 21.84
C LYS D 13 -8.75 -13.50 22.25
N ARG D 14 -9.81 -14.27 22.06
CA ARG D 14 -9.78 -15.68 22.40
C ARG D 14 -8.65 -16.30 21.62
N LEU D 15 -8.76 -16.26 20.30
CA LEU D 15 -7.74 -16.82 19.41
C LEU D 15 -6.36 -16.29 19.79
N LEU D 16 -6.31 -15.02 20.19
CA LEU D 16 -5.04 -14.44 20.59
C LEU D 16 -4.60 -15.14 21.87
N GLY D 17 -5.59 -15.57 22.65
CA GLY D 17 -5.31 -16.28 23.90
C GLY D 17 -4.36 -17.43 23.64
N TRP D 18 -4.47 -18.03 22.46
CA TRP D 18 -3.59 -19.13 22.07
C TRP D 18 -2.55 -18.51 21.15
N LYS D 19 -1.30 -18.86 21.36
CA LYS D 19 -0.19 -18.33 20.58
C LYS D 19 1.02 -18.52 21.46
N LYS D 20 2.21 -18.36 20.90
CA LYS D 20 3.40 -18.56 21.71
C LYS D 20 4.60 -17.73 21.30
N GLY D 21 5.57 -17.64 22.21
CA GLY D 21 6.78 -16.88 21.95
C GLY D 21 6.72 -15.47 22.49
N GLU D 22 5.55 -15.08 22.98
CA GLU D 22 5.31 -13.75 23.52
C GLU D 22 6.30 -12.71 22.97
N GLN D 23 6.06 -12.30 21.73
CA GLN D 23 6.90 -11.33 21.05
C GLN D 23 6.13 -10.01 20.98
N ASN D 24 6.03 -9.32 22.11
CA ASN D 24 5.31 -8.05 22.17
C ASN D 24 5.95 -6.97 21.30
N GLY D 25 5.72 -5.71 21.69
CA GLY D 25 6.27 -4.60 20.92
C GLY D 25 5.32 -4.36 19.76
N GLN D 26 5.88 -4.13 18.57
CA GLN D 26 5.04 -3.89 17.40
C GLN D 26 4.60 -5.24 16.83
N GLU D 27 5.24 -6.31 17.28
CA GLU D 27 4.89 -7.65 16.82
C GLU D 27 3.57 -8.03 17.48
N GLU D 28 3.33 -7.48 18.67
CA GLU D 28 2.11 -7.74 19.41
C GLU D 28 0.91 -7.15 18.66
N LYS D 29 1.04 -5.89 18.24
CA LYS D 29 -0.02 -5.21 17.51
C LYS D 29 -0.22 -5.87 16.15
N TRP D 30 0.89 -6.28 15.54
CA TRP D 30 0.84 -6.93 14.24
C TRP D 30 0.12 -8.26 14.30
N CYS D 31 0.46 -9.05 15.31
CA CYS D 31 -0.16 -10.35 15.49
C CYS D 31 -1.67 -10.17 15.60
N GLU D 32 -2.07 -9.08 16.23
CA GLU D 32 -3.49 -8.81 16.39
C GLU D 32 -4.11 -8.52 15.03
N LYS D 33 -3.47 -7.63 14.27
CA LYS D 33 -3.94 -7.28 12.95
C LYS D 33 -4.08 -8.55 12.11
N ALA D 34 -3.01 -9.34 12.08
CA ALA D 34 -3.00 -10.57 11.31
C ALA D 34 -4.17 -11.49 11.70
N VAL D 35 -4.54 -11.49 12.98
CA VAL D 35 -5.63 -12.34 13.39
C VAL D 35 -6.95 -11.76 12.93
N LYS D 36 -7.07 -10.44 13.02
CA LYS D 36 -8.29 -9.78 12.58
C LYS D 36 -8.52 -9.97 11.09
N SER D 37 -7.44 -9.91 10.30
CA SER D 37 -7.56 -10.07 8.86
C SER D 37 -8.17 -11.42 8.57
N LEU D 38 -7.59 -12.44 9.21
CA LEU D 38 -8.06 -13.80 9.01
C LEU D 38 -9.51 -13.99 9.43
N VAL D 39 -9.86 -13.47 10.60
CA VAL D 39 -11.21 -13.61 11.10
C VAL D 39 -12.19 -12.96 10.13
N LYS D 40 -11.84 -11.76 9.69
CA LYS D 40 -12.69 -11.06 8.74
C LYS D 40 -13.01 -11.98 7.56
N LYS D 41 -11.99 -12.67 7.06
CA LYS D 41 -12.16 -13.56 5.92
C LYS D 41 -12.88 -14.87 6.17
N LEU D 42 -12.63 -15.49 7.32
CA LEU D 42 -13.29 -16.75 7.62
C LEU D 42 -14.74 -16.47 7.93
N LYS D 43 -15.01 -15.32 8.54
CA LYS D 43 -16.37 -14.94 8.84
C LYS D 43 -17.16 -14.96 7.54
N LYS D 44 -16.67 -14.23 6.55
CA LYS D 44 -17.33 -14.16 5.25
C LYS D 44 -17.68 -15.54 4.69
N THR D 45 -16.76 -16.49 4.79
CA THR D 45 -16.99 -17.83 4.26
C THR D 45 -17.54 -18.80 5.31
N GLY D 46 -17.89 -18.28 6.48
CA GLY D 46 -18.43 -19.12 7.53
C GLY D 46 -17.54 -20.29 7.94
N GLN D 47 -16.27 -20.01 8.18
CA GLN D 47 -15.31 -21.03 8.59
C GLN D 47 -14.70 -20.66 9.95
N LEU D 48 -15.15 -19.55 10.54
CA LEU D 48 -14.60 -19.14 11.81
C LEU D 48 -14.67 -20.25 12.86
N ASP D 49 -15.84 -20.87 13.00
CA ASP D 49 -16.01 -21.94 13.98
C ASP D 49 -14.98 -23.07 13.87
N GLU D 50 -14.77 -23.58 12.67
CA GLU D 50 -13.83 -24.68 12.45
C GLU D 50 -12.38 -24.28 12.72
N LEU D 51 -12.14 -22.96 12.78
CA LEU D 51 -10.80 -22.45 13.05
C LEU D 51 -10.58 -22.42 14.55
N GLU D 52 -11.57 -21.89 15.27
CA GLU D 52 -11.51 -21.82 16.73
C GLU D 52 -11.38 -23.24 17.24
N LYS D 53 -12.16 -24.12 16.62
CA LYS D 53 -12.16 -25.54 16.96
C LYS D 53 -10.75 -26.10 16.85
N ALA D 54 -10.18 -26.00 15.64
CA ALA D 54 -8.83 -26.49 15.37
C ALA D 54 -7.79 -25.94 16.36
N ILE D 55 -7.87 -24.65 16.63
CA ILE D 55 -6.93 -24.04 17.55
C ILE D 55 -7.04 -24.60 18.97
N THR D 56 -8.27 -24.65 19.49
CA THR D 56 -8.51 -25.13 20.85
C THR D 56 -8.42 -26.63 21.10
N THR D 57 -8.59 -27.44 20.07
CA THR D 57 -8.51 -28.89 20.25
C THR D 57 -7.23 -29.50 19.70
N GLN D 58 -6.41 -28.67 19.04
CA GLN D 58 -5.17 -29.14 18.45
C GLN D 58 -5.41 -30.42 17.67
N ASN D 59 -6.64 -30.59 17.21
CA ASN D 59 -7.01 -31.78 16.46
C ASN D 59 -6.69 -31.69 14.98
N VAL D 60 -5.68 -32.45 14.56
CA VAL D 60 -5.23 -32.46 13.18
C VAL D 60 -6.30 -32.87 12.17
N ASN D 61 -7.08 -33.91 12.48
CA ASN D 61 -8.08 -34.36 11.52
C ASN D 61 -9.25 -33.41 11.32
N THR D 62 -9.03 -32.11 11.53
CA THR D 62 -10.09 -31.13 11.31
C THR D 62 -10.13 -30.79 9.82
N LYS D 63 -11.10 -29.98 9.43
CA LYS D 63 -11.27 -29.59 8.04
C LYS D 63 -10.25 -28.51 7.65
N CYS D 64 -10.06 -28.32 6.36
CA CYS D 64 -9.15 -27.29 5.89
C CYS D 64 -9.79 -25.94 6.15
N ILE D 65 -8.97 -24.99 6.56
CA ILE D 65 -9.44 -23.63 6.82
C ILE D 65 -8.81 -22.84 5.67
N THR D 66 -9.64 -22.45 4.73
CA THR D 66 -9.17 -21.77 3.54
C THR D 66 -9.32 -20.27 3.30
N ILE D 67 -8.27 -19.72 2.71
CA ILE D 67 -8.19 -18.31 2.35
C ILE D 67 -7.77 -18.25 0.87
N PRO D 68 -8.25 -17.24 0.12
CA PRO D 68 -7.88 -17.13 -1.29
C PRO D 68 -6.37 -16.95 -1.44
N ARG D 69 -5.79 -17.56 -2.48
CA ARG D 69 -4.36 -17.41 -2.70
C ARG D 69 -4.11 -16.30 -3.71
N SER D 70 -3.08 -15.50 -3.44
CA SER D 70 -2.72 -14.39 -4.32
C SER D 70 -1.88 -14.96 -5.46
N LEU D 71 -1.62 -14.13 -6.47
CA LEU D 71 -0.85 -14.57 -7.62
C LEU D 71 0.57 -15.01 -7.28
N ASP D 72 1.26 -14.26 -6.42
CA ASP D 72 2.62 -14.66 -6.04
C ASP D 72 2.62 -15.46 -4.75
N GLY D 73 1.41 -15.75 -4.25
CA GLY D 73 1.27 -16.55 -3.04
C GLY D 73 1.43 -15.85 -1.69
N ARG D 74 1.88 -14.60 -1.69
CA ARG D 74 2.06 -13.88 -0.43
C ARG D 74 0.82 -13.16 0.07
N LEU D 75 0.83 -12.89 1.37
CA LEU D 75 -0.25 -12.19 2.03
C LEU D 75 0.38 -11.02 2.75
N GLN D 76 -0.31 -9.89 2.74
CA GLN D 76 0.17 -8.71 3.41
C GLN D 76 -0.78 -8.39 4.53
N VAL D 77 -0.19 -8.10 5.69
CA VAL D 77 -0.94 -7.71 6.88
C VAL D 77 -0.20 -6.44 7.29
N SER D 78 -0.91 -5.31 7.25
CA SER D 78 -0.30 -4.04 7.56
C SER D 78 0.71 -3.78 6.45
N HIS D 79 1.97 -3.61 6.81
CA HIS D 79 3.02 -3.35 5.83
C HIS D 79 3.91 -4.54 5.53
N ARG D 80 3.77 -5.57 6.34
CA ARG D 80 4.57 -6.78 6.19
C ARG D 80 3.95 -7.80 5.22
N LYS D 81 4.81 -8.51 4.49
CA LYS D 81 4.38 -9.54 3.55
C LYS D 81 4.95 -10.91 3.95
N GLY D 82 4.18 -11.97 3.70
CA GLY D 82 4.65 -13.31 4.00
C GLY D 82 3.77 -14.40 3.41
N LEU D 83 4.14 -15.66 3.60
CA LEU D 83 3.29 -16.74 3.11
C LEU D 83 2.28 -16.99 4.24
N PRO D 84 0.98 -17.14 3.89
CA PRO D 84 -0.08 -17.36 4.87
C PRO D 84 0.14 -18.50 5.85
N HIS D 85 0.38 -19.71 5.33
CA HIS D 85 0.59 -20.84 6.20
C HIS D 85 1.76 -20.61 7.14
N VAL D 86 2.81 -19.99 6.63
CA VAL D 86 3.96 -19.70 7.46
C VAL D 86 3.57 -18.70 8.57
N ILE D 87 2.75 -17.72 8.23
CA ILE D 87 2.36 -16.70 9.21
C ILE D 87 1.51 -17.27 10.34
N TYR D 88 0.52 -18.09 10.00
CA TYR D 88 -0.34 -18.64 11.02
C TYR D 88 0.21 -19.86 11.79
N CYS D 89 1.15 -20.61 11.20
CA CYS D 89 1.76 -21.72 11.92
C CYS D 89 2.75 -21.14 12.91
N ARG D 90 3.39 -20.04 12.53
CA ARG D 90 4.34 -19.37 13.41
C ARG D 90 3.55 -18.70 14.54
N LEU D 91 2.30 -18.36 14.26
CA LEU D 91 1.46 -17.72 15.25
C LEU D 91 1.04 -18.71 16.35
N TRP D 92 0.25 -19.70 15.98
CA TRP D 92 -0.24 -20.68 16.94
C TRP D 92 0.60 -21.94 17.20
N ARG D 93 1.71 -22.10 16.51
CA ARG D 93 2.52 -23.32 16.70
C ARG D 93 4.01 -23.15 16.95
N TRP D 94 4.70 -22.51 16.01
CA TRP D 94 6.14 -22.35 16.10
C TRP D 94 6.61 -20.91 15.91
N PRO D 95 6.67 -20.14 17.00
CA PRO D 95 7.10 -18.74 16.99
C PRO D 95 8.51 -18.54 16.46
N ASP D 96 9.27 -19.63 16.41
CA ASP D 96 10.65 -19.58 15.93
C ASP D 96 10.74 -19.97 14.46
N LEU D 97 9.63 -20.44 13.89
CA LEU D 97 9.59 -20.84 12.49
C LEU D 97 10.30 -19.82 11.60
N HIS D 98 11.08 -20.29 10.64
CA HIS D 98 11.82 -19.38 9.77
C HIS D 98 11.29 -19.22 8.35
N SER D 99 11.05 -20.34 7.67
CA SER D 99 10.55 -20.29 6.30
C SER D 99 9.63 -21.46 5.96
N HIS D 100 9.00 -21.37 4.80
CA HIS D 100 8.09 -22.41 4.35
C HIS D 100 8.82 -23.72 4.06
N HIS D 101 10.14 -23.66 4.04
CA HIS D 101 10.94 -24.86 3.77
C HIS D 101 10.99 -25.78 4.99
N GLU D 102 10.47 -25.29 6.11
CA GLU D 102 10.43 -26.09 7.32
C GLU D 102 9.03 -26.68 7.47
N LEU D 103 8.15 -26.33 6.54
CA LEU D 103 6.77 -26.81 6.60
C LEU D 103 6.43 -27.89 5.59
N ARG D 104 5.71 -28.91 6.06
CA ARG D 104 5.27 -30.01 5.23
C ARG D 104 3.80 -30.24 5.45
N ALA D 105 3.01 -30.02 4.41
CA ALA D 105 1.58 -30.24 4.52
C ALA D 105 1.35 -31.74 4.61
N MET D 106 0.42 -32.13 5.45
CA MET D 106 0.13 -33.56 5.58
C MET D 106 -0.69 -33.93 4.36
N GLU D 107 -0.92 -35.23 4.18
CA GLU D 107 -1.66 -35.74 3.04
C GLU D 107 -3.16 -35.47 3.10
N LEU D 108 -3.70 -35.31 4.32
CA LEU D 108 -5.13 -35.07 4.46
C LEU D 108 -5.51 -33.66 4.05
N CYS D 109 -4.51 -32.78 3.97
CA CYS D 109 -4.72 -31.39 3.58
C CYS D 109 -4.91 -31.29 2.07
N GLU D 110 -6.08 -30.84 1.63
CA GLU D 110 -6.38 -30.71 0.21
C GLU D 110 -5.91 -29.40 -0.41
N PHE D 111 -5.93 -28.32 0.36
CA PHE D 111 -5.52 -27.04 -0.17
C PHE D 111 -4.17 -26.57 0.33
N ALA D 112 -3.25 -27.52 0.48
CA ALA D 112 -1.90 -27.19 0.92
C ALA D 112 -1.35 -26.11 0.00
N PHE D 113 -0.58 -25.21 0.57
CA PHE D 113 0.03 -24.13 -0.18
C PHE D 113 0.85 -24.70 -1.32
N ASN D 114 1.49 -25.85 -1.06
CA ASN D 114 2.35 -26.52 -2.03
C ASN D 114 1.64 -27.03 -3.28
N MET D 115 0.31 -27.05 -3.27
CA MET D 115 -0.44 -27.53 -4.42
C MET D 115 -0.77 -26.46 -5.44
N LYS D 116 -0.66 -25.20 -5.02
CA LYS D 116 -0.93 -24.07 -5.92
C LYS D 116 -2.36 -23.96 -6.42
N LYS D 117 -3.34 -24.31 -5.58
CA LYS D 117 -4.74 -24.20 -6.00
C LYS D 117 -5.19 -22.75 -5.92
N ASP D 118 -6.49 -22.50 -6.00
CA ASP D 118 -7.01 -21.15 -5.93
C ASP D 118 -7.24 -20.75 -4.48
N GLU D 119 -7.24 -21.75 -3.61
CA GLU D 119 -7.43 -21.56 -2.19
C GLU D 119 -6.23 -22.13 -1.45
N VAL D 120 -5.83 -21.49 -0.35
CA VAL D 120 -4.71 -22.00 0.45
C VAL D 120 -5.20 -22.32 1.85
N CYS D 121 -4.76 -23.46 2.37
CA CYS D 121 -5.15 -23.88 3.71
C CYS D 121 -4.19 -23.35 4.74
N VAL D 122 -4.74 -22.72 5.77
CA VAL D 122 -3.94 -22.16 6.84
C VAL D 122 -4.22 -22.78 8.20
N ASN D 123 -4.88 -23.94 8.19
CA ASN D 123 -5.16 -24.66 9.43
C ASN D 123 -3.76 -24.98 9.95
N PRO D 124 -3.36 -24.38 11.08
CA PRO D 124 -2.01 -24.67 11.59
C PRO D 124 -1.74 -26.13 11.91
N TYR D 125 -2.81 -26.93 12.04
CA TYR D 125 -2.61 -28.34 12.35
C TYR D 125 -2.61 -29.25 11.12
N HIS D 126 -2.45 -28.66 9.95
CA HIS D 126 -2.39 -29.42 8.71
C HIS D 126 -0.98 -29.50 8.18
N TYR D 127 -0.04 -28.92 8.93
CA TYR D 127 1.36 -28.92 8.55
C TYR D 127 2.23 -29.43 9.70
N GLN D 128 3.32 -30.09 9.35
CA GLN D 128 4.25 -30.58 10.37
C GLN D 128 5.53 -29.80 10.08
N ARG D 129 6.36 -29.61 11.09
CA ARG D 129 7.60 -28.88 10.91
C ARG D 129 8.76 -29.84 10.68
N VAL D 130 9.48 -29.65 9.58
CA VAL D 130 10.60 -30.50 9.24
C VAL D 130 11.89 -29.97 9.83
N GLU D 131 12.67 -30.86 10.42
CA GLU D 131 13.94 -30.50 11.03
C GLU D 131 14.95 -30.27 9.90
N THR D 132 14.42 -30.00 8.70
CA THR D 132 15.21 -29.76 7.50
C THR D 132 16.51 -30.56 7.49
ZN ZN E . -2.13 22.61 -18.69
ZN ZN F . -5.67 -28.29 4.98
#